data_7NPN
#
_entry.id   7NPN
#
_cell.length_a   1.00
_cell.length_b   1.00
_cell.length_c   1.00
_cell.angle_alpha   90.00
_cell.angle_beta   90.00
_cell.angle_gamma   90.00
#
_symmetry.space_group_name_H-M   'P 1'
#
loop_
_entity.id
_entity.type
_entity.pdbx_description
1 polymer 'SCAFFOLD STRAND'
2 polymer 'STAPLE STRAND'
3 polymer 'STAPLE STRAND'
4 polymer 'STAPLE STRAND'
5 polymer 'STAPLE STRAND'
6 polymer 'STAPLE STRAND'
7 polymer 'STAPLE STRAND'
8 polymer 'STAPLE STRAND'
9 polymer 'STAPLE STRAND'
10 polymer 'STAPLE STRAND'
11 polymer 'STAPLE STRAND'
12 polymer 'STAPLE STRAND'
13 polymer 'STAPLE STRAND'
14 polymer 'STAPLE STRAND'
15 polymer 'STAPLE STRAND'
16 polymer 'STAPLE STRAND'
17 polymer 'STAPLE STRAND'
18 polymer 'STAPLE STRAND'
19 polymer 'STAPLE STRAND'
20 polymer 'STAPLE STRAND'
21 polymer 'STAPLE STRAND'
22 polymer 'STAPLE STRAND'
23 polymer 'STAPLE STRAND'
24 polymer 'STAPLE STRAND'
25 polymer 'STAPLE STRAND'
26 polymer 'STAPLE STRAND'
27 polymer 'STAPLE STRAND'
28 polymer 'STAPLE STRAND'
29 polymer 'STAPLE STRAND'
30 polymer 'STAPLE STRAND'
31 polymer 'STAPLE STRAND'
32 polymer 'STAPLE STRAND'
33 polymer 'STAPLE STRAND'
34 polymer 'STAPLE STRAND'
35 polymer 'STAPLE STRAND'
36 polymer 'STAPLE STRAND'
37 polymer 'STAPLE STRAND'
38 polymer 'STAPLE STRAND'
39 polymer 'STAPLE STRAND'
40 polymer 'STAPLE STRAND'
41 polymer 'STAPLE STRAND'
42 polymer 'STAPLE STRAND'
43 polymer 'STAPLE STRAND'
44 polymer 'STAPLE STRAND'
45 polymer 'STAPLE STRAND'
46 polymer 'STAPLE STRAND'
47 polymer 'STAPLE STRAND'
48 polymer 'STAPLE STRAND'
49 polymer 'STAPLE STRAND'
50 polymer 'STAPLE STRAND'
51 polymer 'STAPLE STRAND'
52 polymer 'STAPLE STRAND'
53 polymer 'STAPLE STRAND'
54 polymer 'STAPLE STRAND'
55 polymer 'STAPLE STRAND'
56 polymer 'STAPLE STRAND'
57 polymer 'STAPLE STRAND'
58 polymer 'STAPLE STRAND'
59 polymer 'STAPLE STRAND'
60 polymer 'STAPLE STRAND'
61 polymer 'STAPLE STRAND'
62 polymer 'STAPLE STRAND'
63 polymer 'STAPLE STRAND'
64 polymer 'STAPLE STRAND'
65 polymer 'STAPLE STRAND'
66 polymer 'STAPLE STRAND'
67 polymer 'STAPLE STRAND'
68 polymer 'STAPLE STRAND'
69 polymer 'STAPLE STRAND'
70 polymer 'STAPLE STRAND'
71 polymer 'STAPLE STRAND'
72 polymer 'STAPLE STRAND'
73 polymer 'STAPLE STRAND'
74 polymer 'STAPLE STRAND'
75 polymer 'STAPLE STRAND'
76 polymer 'STAPLE STRAND'
77 polymer 'STAPLE STRAND'
78 polymer 'STAPLE STRAND'
79 polymer 'STAPLE STRAND'
#
loop_
_entity_poly.entity_id
_entity_poly.type
_entity_poly.pdbx_seq_one_letter_code
_entity_poly.pdbx_strand_id
1 'polydeoxyribonucleotide'
;(DG)(DT)(DG)(DG)(DC)(DA)(DC)(DT)(DT)(DT)(DT)(DC)(DG)(DG)(DG)(DG)(DA)(DA)(DA)(DT)
(DG)(DT)(DG)(DC)(DG)(DC)(DG)(DG)(DA)(DA)(DC)(DC)(DC)(DC)(DT)(DA)(DT)(DT)(DT)(DG)
(DT)(DT)(DT)(DA)(DT)(DT)(DT)(DT)(DT)(DC)(DT)(DA)(DA)(DA)(DT)(DA)(DC)(DA)(DT)(DT)
(DC)(DA)(DA)(DA)(DT)(DA)(DT)(DG)(DT)(DA)(DT)(DC)(DC)(DG)(DC)(DT)(DC)(DA)(DT)(DG)
(DA)(DG)(DA)(DC)(DA)(DA)(DT)(DA)(DA)(DC)(DC)(DC)(DT)(DG)(DA)(DT)(DA)(DA)(DA)(DT)
(DG)(DC)(DT)(DT)(DC)(DA)(DA)(DT)(DA)(DA)(DT)(DA)(DT)(DT)(DG)(DA)(DA)(DA)(DA)(DA)
(DG)(DG)(DA)(DA)(DG)(DA)(DG)(DT)(DA)(DT)(DG)(DA)(DG)(DT)(DA)(DT)(DT)(DC)(DA)(DA)
(DC)(DA)(DT)(DT)(DT)(DC)(DC)(DG)(DT)(DG)(DT)(DC)(DG)(DC)(DC)(DC)(DT)(DT)(DA)(DT)
(DT)(DC)(DC)(DC)(DT)(DT)(DT)(DT)(DT)(DT)(DG)(DC)(DG)(DG)(DC)(DA)(DT)(DT)(DT)(DT)
(DG)(DC)(DC)(DT)(DT)(DC)(DC)(DT)(DG)(DT)(DT)(DT)(DT)(DT)(DG)(DC)(DT)(DC)(DA)(DC)
(DC)(DC)(DA)(DG)(DA)(DA)(DA)(DC)(DG)(DC)(DT)(DG)(DG)(DT)(DG)(DA)(DA)(DA)(DG)(DT)
(DA)(DA)(DA)(DA)(DG)(DA)(DT)(DG)(DC)(DT)(DG)(DA)(DA)(DG)(DA)(DT)(DC)(DA)(DG)(DT)
(DT)(DG)(DG)(DG)(DT)(DG)(DC)(DA)(DC)(DG)(DA)(DG)(DT)(DG)(DG)(DG)(DT)(DT)(DA)(DC)
(DA)(DT)(DC)(DG)(DA)(DA)(DC)(DT)(DG)(DG)(DA)(DT)(DC)(DT)(DC)(DA)(DA)(DC)(DA)(DG)
(DC)(DG)(DG)(DT)(DA)(DA)(DG)(DA)(DT)(DC)(DC)(DT)(DT)(DG)(DA)(DG)(DA)(DG)(DT)(DT)
(DT)(DT)(DC)(DG)(DC)(DC)(DC)(DC)(DG)(DA)(DA)(DG)(DA)(DA)(DC)(DG)(DT)(DT)(DT)(DT)
(DC)(DC)(DA)(DA)(DT)(DG)(DA)(DT)(DG)(DA)(DG)(DC)(DA)(DC)(DT)(DT)(DT)(DT)(DA)(DA)
(DA)(DG)(DT)(DT)(DC)(DT)(DG)(DC)(DT)(DA)(DT)(DG)(DT)(DG)(DG)(DC)(DG)(DC)(DG)(DG)
(DT)(DA)(DT)(DT)(DA)(DT)(DC)(DC)(DC)(DG)(DT)(DA)(DT)(DT)(DG)(DA)(DC)(DG)(DC)(DC)
(DG)(DG)(DG)(DC)(DA)(DA)(DG)(DA)(DG)(DC)(DA)(DA)(DC)(DT)(DC)(DG)(DG)(DT)(DC)(DG)
(DC)(DC)(DG)(DC)(DA)(DT)(DA)(DC)(DA)(DC)(DT)(DA)(DT)(DT)(DC)(DT)(DC)(DA)(DG)(DA)
(DA)(DT)(DG)(DA)(DC)(DT)(DT)(DG)(DG)(DT)(DT)(DG)(DA)(DG)(DT)(DA)(DC)(DT)(DC)(DA)
(DC)(DC)(DA)(DG)(DT)(DC)(DA)(DC)(DA)(DG)(DA)(DA)(DA)(DA)(DG)(DC)(DA)(DT)(DC)(DT)
(DT)(DA)(DC)(DG)(DG)(DA)(DT)(DG)(DG)(DC)(DA)(DT)(DG)(DA)(DC)(DA)(DG)(DT)(DA)(DA)
(DG)(DA)(DG)(DA)(DA)(DT)(DT)(DA)(DT)(DG)(DC)(DA)(DG)(DT)(DG)(DC)(DT)(DG)(DC)(DC)
(DA)(DT)(DA)(DA)(DC)(DC)(DA)(DT)(DG)(DA)(DG)(DT)(DG)(DA)(DT)(DA)(DA)(DC)(DA)(DC)
(DT)(DG)(DC)(DG)(DG)(DC)(DC)(DA)(DA)(DC)(DT)(DT)(DA)(DC)(DT)(DT)(DC)(DT)(DG)(DA)
(DC)(DA)(DA)(DC)(DG)(DA)(DT)(DC)(DG)(DG)(DA)(DG)(DG)(DA)(DC)(DC)(DG)(DA)(DA)(DG)
(DG)(DA)(DG)(DC)(DT)(DA)(DA)(DC)(DC)(DG)(DC)(DT)(DT)(DT)(DT)(DT)(DT)(DG)(DC)(DA)
(DC)(DA)(DA)(DC)(DA)(DT)(DG)(DG)(DG)(DG)(DG)(DA)(DT)(DC)(DA)(DT)(DG)(DT)(DA)(DA)
(DC)(DT)(DC)(DG)(DC)(DC)(DT)(DT)(DG)(DA)(DT)(DC)(DG)(DT)(DT)(DG)(DG)(DG)(DA)(DA)
(DC)(DC)(DG)(DG)(DA)(DG)(DC)(DT)(DG)(DA)(DA)(DT)(DG)(DA)(DA)(DG)(DC)(DC)(DA)(DT)
(DA)(DC)(DC)(DA)(DA)(DA)(DC)(DG)(DA)(DC)(DG)(DA)(DG)(DC)(DG)(DT)(DG)(DA)(DC)(DA)
(DC)(DC)(DA)(DC)(DG)(DA)(DT)(DG)(DC)(DC)(DT)(DG)(DT)(DA)(DG)(DC)(DA)(DA)(DT)(DG)
(DG)(DC)(DA)(DA)(DC)(DA)(DA)(DC)(DG)(DT)(DT)(DG)(DC)(DG)(DC)(DA)(DA)(DA)(DC)(DT)
(DA)(DT)(DT)(DA)(DA)(DC)(DT)(DG)(DG)(DC)(DG)(DA)(DA)(DC)(DT)(DA)(DC)(DT)(DT)(DA)
(DC)(DT)(DC)(DT)(DA)(DG)(DC)(DT)(DT)(DC)(DC)(DC)(DG)(DG)(DC)(DA)(DA)(DC)(DA)(DA)
(DT)(DT)(DA)(DA)(DT)(DA)(DG)(DA)(DC)(DT)(DG)(DG)(DA)(DT)(DG)(DG)(DA)(DG)(DG)(DC)
(DG)(DG)(DA)(DT)(DA)(DA)(DA)(DG)(DT)(DT)(DG)(DC)(DA)(DG)(DG)(DA)(DC)(DC)(DA)(DC)
(DT)(DT)(DC)(DT)(DG)(DC)(DG)(DC)(DT)(DC)(DG)(DG)(DC)(DC)(DC)(DT)(DT)(DC)(DC)(DG)
(DG)(DC)(DT)(DG)(DG)(DC)(DT)(DG)(DG)(DT)(DT)(DT)(DA)(DT)(DT)(DG)(DC)(DT)(DG)(DA)
(DT)(DA)(DA)(DA)(DT)(DC)(DT)(DG)(DG)(DA)(DG)(DC)(DC)(DG)(DG)(DT)(DG)(DA)(DG)(DC)
(DG)(DT)(DG)(DG)(DG)(DT)(DC)(DA)(DC)(DG)(DC)(DG)(DG)(DT)(DA)(DT)(DC)(DA)(DT)(DT)
(DG)(DC)(DA)(DG)(DC)(DA)(DC)(DT)(DG)(DG)(DG)(DG)(DC)(DC)(DA)(DG)(DA)(DT)(DG)(DG)
(DT)(DA)(DA)(DG)(DC)(DC)(DC)(DT)(DC)(DC)(DC)(DG)(DT)(DA)(DT)(DC)(DG)(DT)(DA)(DG)
(DT)(DT)(DA)(DT)(DC)(DT)(DA)(DC)(DA)(DC)(DG)(DA)(DC)(DG)(DG)(DG)(DG)(DA)(DG)(DT)
(DC)(DA)(DG)(DG)(DC)(DA)(DA)(DC)(DT)(DA)(DT)(DG)(DG)(DA)(DT)(DG)(DA)(DA)(DC)(DG)
(DA)(DA)(DA)(DT)(DA)(DG)(DA)(DC)(DA)(DG)(DA)(DT)(DC)(DG)(DC)(DT)(DG)(DA)(DG)(DA)
(DT)(DA)(DG)(DG)(DT)(DG)(DC)(DC)(DT)(DC)(DA)(DC)(DT)(DG)(DA)(DT)(DT)(DA)(DA)(DG)
(DC)(DA)(DT)(DT)(DG)(DG)(DT)(DA)(DA)(DC)(DT)(DG)(DT)(DC)(DA)(DG)(DA)(DC)(DC)(DA)
(DA)(DG)(DT)(DT)(DT)(DA)(DC)(DT)(DC)(DA)(DT)(DA)(DT)(DA)(DT)(DA)(DC)(DT)(DT)(DT)
(DA)(DG)(DA)(DT)(DT)(DG)(DA)(DT)(DT)(DT)(DA)(DA)(DA)(DA)(DC)(DT)(DT)(DC)(DA)(DT)
(DT)(DT)(DT)(DT)(DA)(DA)(DT)(DT)(DT)(DA)(DA)(DA)(DA)(DG)(DG)(DA)(DT)(DC)(DT)(DA)
(DG)(DG)(DT)(DG)(DA)(DA)(DG)(DA)(DT)(DC)(DC)(DT)(DT)(DT)(DT)(DT)(DG)(DA)(DT)(DA)
(DA)(DT)(DC)(DT)(DC)(DA)(DT)(DG)(DA)(DC)(DC)(DA)(DA)(DA)(DA)(DT)(DC)(DC)(DC)(DT)
(DT)(DA)(DA)(DC)(DG)(DT)(DG)(DA)(DG)(DT)(DT)(DT)(DT)(DC)(DG)(DT)(DT)(DC)(DC)(DA)
(DC)(DT)(DG)(DA)(DG)(DC)(DG)(DT)(DC)(DA)(DG)(DA)(DC)(DC)(DC)(DC)(DG)(DT)(DA)(DG)
(DA)(DA)(DA)(DA)(DG)(DA)(DT)(DC)(DA)(DA)(DA)(DG)(DG)(DA)(DT)(DC)(DT)(DT)(DC)(DT)
(DT)(DG)(DA)(DG)(DA)(DT)(DC)(DC)(DT)(DT)(DT)(DT)(DT)(DT)(DT)(DC)(DT)(DG)(DC)(DG)
(DC)(DG)(DT)(DA)(DA)(DT)(DC)(DT)(DG)(DC)(DT)(DG)(DC)(DT)(DT)(DG)(DC)(DA)(DA)(DA)
(DC)(DA)(DA)(DA)(DA)(DA)(DA)(DA)(DC)(DC)(DA)(DC)(DC)(DG)(DC)(DT)(DA)(DC)(DC)(DA)
(DG)(DC)(DG)(DG)(DT)(DG)(DG)(DT)(DT)(DT)(DG)(DT)(DT)(DT)(DG)(DC)(DC)(DG)(DG)(DA)
(DT)(DC)(DA)(DA)(DG)(DA)(DG)(DC)(DT)(DA)(DC)(DC)(DA)(DA)(DC)(DT)(DC)(DT)(DT)(DT)
(DT)(DT)(DC)(DC)(DG)(DA)(DA)(DG)(DG)(DT)(DA)(DA)(DC)(DT)(DG)(DG)(DC)(DT)(DT)(DC)
(DA)(DG)(DC)(DA)(DG)(DA)(DG)(DC)(DG)(DC)(DA)(DG)(DA)(DT)(DA)(DC)(DC)(DA)(DA)(DA)
(DT)(DA)(DC)(DT)(DG)(DT)(DT)(DC)(DT)(DT)(DC)(DT)(DA)(DG)(DT)(DG)(DT)(DA)(DG)(DC)
(DC)(DG)(DT)(DA)(DG)(DT)(DT)(DA)(DG)(DG)(DC)(DC)(DA)(DC)(DC)(DA)(DC)(DT)(DT)(DC)
(DA)(DA)(DG)(DA)(DA)(DC)(DT)(DC)(DT)(DG)(DT)(DA)(DG)(DC)(DA)(DC)(DC)(DG)(DC)(DC)
(DT)(DA)(DC)(DA)(DT)(DA)(DC)(DC)(DT)(DC)(DG)(DC)(DT)(DC)(DT)(DG)(DC)(DT)(DA)(DA)
(DT)(DC)(DC)(DT)(DG)(DT)(DT)(DA)(DC)(DC)(DA)(DG)(DT)(DG)(DG)(DC)(DT)(DG)(DC)(DT)
(DG)(DC)(DC)(DA)(DG)(DT)(DG)(DG)(DC)(DG)(DA)(DT)(DA)(DA)(DG)(DT)(DC)(DG)(DT)(DG)
(DT)(DC)(DT)(DT)(DA)(DC)(DC)(DG)(DG)(DG)(DT)(DT)(DG)(DG)(DA)(DC)(DT)(DC)(DA)(DA)
(DG)(DA)(DC)(DG)(DA)(DT)(DA)(DG)(DT)(DT)(DA)(DC)(DC)(DG)(DG)(DA)(DT)(DA)(DA)(DG)
(DG)(DC)(DG)(DC)(DA)(DG)(DC)(DG)(DG)(DT)(DC)(DG)(DG)(DG)(DC)(DT)(DG)(DA)(DA)(DC)
(DG)(DG)(DG)(DG)(DG)(DG)(DT)(DT)(DC)(DG)(DT)(DG)(DC)(DA)(DC)(DA)(DC)(DA)(DG)(DC)
(DC)(DC)(DA)(DG)(DC)(DT)(DT)(DG)(DG)(DA)(DG)(DC)(DG)(DA)(DA)(DC)(DG)(DA)(DC)(DC)
(DT)(DA)(DC)(DA)(DC)(DC)(DG)(DA)(DA)(DC)(DT)(DG)(DA)(DG)(DA)(DT)(DA)(DC)(DC)(DT)
(DA)(DC)(DA)(DG)(DC)(DG)(DT)(DG)(DA)(DG)(DC)(DT)(DA)(DT)(DG)(DA)(DG)(DA)(DA)(DA)
(DG)(DC)(DG)(DC)(DC)(DA)(DC)(DG)(DC)(DT)(DT)(DC)(DC)(DC)(DG)(DA)(DA)(DG)(DG)(DG)
(DA)(DG)(DA)(DA)(DA)(DG)(DG)(DC)(DG)(DG)(DA)(DC)(DA)(DG)(DG)(DT)(DA)(DT)(DC)(DC)
(DG)(DG)(DT)(DA)(DA)(DG)(DC)(DG)(DG)(DC)(DA)(DG)(DG)(DG)(DT)(DC)(DG)(DG)(DA)(DA)
(DC)(DA)(DG)(DG)(DA)(DG)(DA)(DG)(DC)(DG)(DC)(DA)(DC)(DG)(DA)(DG)(DG)(DG)(DA)(DG)
(DC)(DT)(DT)(DC)(DC)(DA)(DG)(DG)(DG)(DG)(DG)(DA)(DA)(DA)(DC)(DG)(DC)(DC)(DT)(DG)
(DG)(DT)(DA)(DT)(DC)(DT)(DT)(DT)(DA)(DT)(DA)(DG)(DT)(DC)(DC)(DT)(DG)(DT)(DC)(DG)
(DG)(DG)(DT)(DT)(DT)(DC)(DG)(DC)(DC)(DA)(DC)(DC)(DT)(DC)(DT)(DG)(DA)(DC)(DT)(DT)
(DG)(DA)(DG)(DC)(DG)(DT)(DC)(DG)(DA)(DT)(DT)(DT)(DT)(DT)(DG)(DT)(DG)(DA)(DT)(DG)
(DC)(DT)(DC)(DG)(DT)(DC)(DA)(DG)(DG)(DG)(DG)(DG)(DG)(DC)(DG)(DG)(DA)(DG)(DC)(DC)
(DT)(DA)(DT)(DG)(DG)(DA)(DA)(DA)(DA)(DA)(DC)(DG)(DC)(DC)(DA)(DG)(DC)(DA)(DA)(DC)
(DG)(DC)(DG)(DG)(DC)(DC)(DT)(DT)(DT)(DT)(DT)(DA)(DC)(DG)(DG)(DT)(DT)(DC)(DC)(DT)
(DG)(DG)(DC)(DC)(DT)(DT)(DT)(DT)(DG)(DC)(DT)(DG)(DG)(DC)(DC)(DT)(DT)(DT)(DT)(DG)
(DC)(DT)(DC)(DA)(DC)(DA)(DT)(DG)(DT)(DT)(DC)(DT)(DT)(DT)(DC)(DC)(DT)(DG)(DC)(DG)
(DT)(DT)(DA)(DT)(DC)(DC)(DC)(DC)(DT)(DG)(DA)(DT)(DT)(DC)(DT)(DG)(DT)(DG)(DG)(DA)
(DT)(DA)(DA)(DC)(DC)(DG)(DT)(DA)(DT)(DT)(DA)(DC)(DC)(DG)(DC)(DC)(DT)(DT)(DT)(DG)
(DA)(DG)(DT)(DG)(DA)(DG)(DC)(DT)(DG)(DA)(DT)(DA)(DC)(DC)(DG)(DC)(DT)(DC)(DG)(DC)
(DC)(DG)(DC)(DA)(DG)(DC)(DC)(DG)(DA)(DA)(DC)(DG)(DA)(DC)(DC)(DG)(DA)(DG)(DC)(DG)
(DC)(DA)(DG)(DC)(DG)(DA)(DG)(DT)(DC)(DA)(DG)(DT)(DG)(DA)(DG)(DC)(DG)(DA)(DG)(DG)
(DA)(DA)(DG)(DC)(DG)(DG)(DA)(DA)(DG)(DA)(DG)(DC)(DG)(DC)(DC)(DC)(DA)(DA)(DT)(DA)
(DC)(DG)(DC)(DA)(DA)(DA)(DC)(DC)(DG)(DC)(DC)(DT)(DC)(DT)(DC)(DC)(DC)(DC)(DG)(DC)
(DG)(DC)(DG)(DT)(DT)(DG)(DG)(DC)(DC)(DG)(DA)(DT)(DT)(DC)(DA)(DT)(DT)(DA)(DA)(DT)
(DG)(DC)(DA)(DG)(DC)(DT)(DG)(DG)(DC)(DA)(DC)(DG)(DA)(DC)(DA)(DG)(DG)(DT)(DT)(DT)
(DC)(DC)(DC)(DG)(DA)(DC)(DT)(DG)(DG)(DA)(DA)(DA)(DG)(DC)(DG)(DG)(DG)(DC)(DA)(DG)
(DT)(DG)(DA)(DG)(DC)(DG)(DC)(DA)(DA)(DC)(DG)(DC)(DA)(DA)(DT)(DT)(DA)(DA)(DT)(DG)
(DT)(DG)(DA)(DG)(DT)(DT)(DA)(DG)(DC)(DT)(DC)(DA)(DC)(DT)(DC)(DA)(DT)(DT)(DA)(DG)
(DG)(DC)(DA)(DC)(DC)(DC)(DC)(DA)(DG)(DG)(DC)(DT)(DT)(DT)(DA)(DC)(DA)(DC)(DT)(DT)
(DT)(DA)(DT)(DG)(DC)(DT)(DT)(DC)(DC)(DG)(DG)(DC)(DT)(DC)(DG)(DT)(DA)(DT)(DG)(DT)
(DT)(DG)(DT)(DG)(DT)(DG)(DG)(DA)(DA)(DT)(DT)(DG)(DT)(DG)(DA)(DG)(DC)(DG)(DG)(DA)
(DT)(DA)(DA)(DC)(DA)(DA)(DT)(DT)(DT)(DC)(DA)(DC)(DA)(DC)(DA)(DG)(DG)(DA)(DA)(DA)
(DC)(DA)(DG)(DC)(DT)(DA)(DT)(DG)(DA)(DC)(DC)(DA)(DT)(DG)(DA)(DT)(DT)(DA)(DC)(DG)
(DC)(DC)(DA)(DA)(DG)(DC)(DG)(DC)(DG)(DA)(DA)(DT)(DT)(DC)(DT)(DC)(DC)(DA)(DG)(DG)
(DC)(DT)(DT)(DA)(DG)(DA)(DA)(DT)(DT)(DC)(DG)(DC)(DT)(DC)(DA)(DC)(DT)(DG)(DG)(DC)
(DC)(DG)(DT)(DC)(DG)(DT)(DT)(DT)(DT)(DA)(DC)(DA)(DC)(DC)(DA)(DT)(DG)(DA)(DT)(DT)
(DA)(DC)(DG)(DC)(DC)(DA)(DA)(DG)(DC)(DG)(DC)(DG)(DA)(DA)(DT)(DT)(DC)(DT)(DC)(DC)
(DA)(DG)(DG)(DC)(DT)(DT)(DA)(DG)(DA)(DA)(DT)(DT)(DC)(DG)(DC)(DT)(DC)(DA)(DC)(DT)
(DG)(DG)(DC)(DC)(DG)(DT)(DC)(DG)(DT)(DT)(DT)(DT)(DA)(DC)(DA)(DA)(DC)(DG)(DT)(DC)
(DG)(DT)(DG)(DA)(DC)(DT)(DG)(DG)(DG)(DA)(DA)(DA)(DA)(DC)(DC)(DC)(DT)(DG)(DG)(DC)
(DG)(DT)(DT)(DA)(DC)(DC)(DC)(DA)(DA)(DC)(DT)(DT)(DA)(DA)(DT)(DC)(DG)(DC)(DC)(DT)
(DT)(DG)(DC)(DA)(DG)(DC)(DA)(DC)(DA)(DT)(DC)(DC)(DC)(DC)(DC)(DT)(DT)(DT)(DC)(DG)
(DC)(DC)(DA)(DG)(DC)(DT)(DG)(DG)(DC)(DG)(DT)(DA)(DA)(DT)(DA)(DG)(DC)(DG)(DA)(DA)
(DG)(DA)(DG)(DG)(DC)(DC)(DC)(DG)(DC)(DA)(DC)(DC)(DG)(DA)(DT)(DC)(DG)(DC)(DC)(DC)
(DT)(DT)(DC)(DC)(DC)(DA)(DA)(DC)(DA)(DG)(DT)(DT)(DG)(DC)(DG)(DC)(DA)(DG)(DC)(DC)
(DT)(DG)(DA)(DA)(DT)(DG)(DG)(DC)(DG)(DA)(DA)(DT)(DG)(DG)(DG)(DA)(DC)(DG)(DC)(DG)
(DC)(DC)(DC)(DT)(DG)(DT)(DA)(DG)(DC)(DG)(DG)(DC)(DG)(DC)(DA)(DT)(DT)(DA)(DA)(DG)
(DC)(DG)(DC)(DG)(DG)(DC)(DG)(DG)(DG)(DT)(DG)(DT)(DG)(DG)(DT)(DG)(DG)(DT)(DT)(DA)
(DC)(DG)(DC)(DG)(DC)(DA)(DG)(DC)(DG)(DT)(DG)(DA)(DC)(DC)(DG)(DC)(DT)(DA)(DC)(DA)
(DC)(DT)(DT)(DG)(DC)(DC)(DA)(DG)(DC)(DG)(DC)(DC)(DC)(DT)(DA)(DG)(DC)(DG)(DC)(DC)
(DC)(DG)(DC)(DT)(DC)(DC)(DT)(DT)(DT)(DC)(DG)(DC)(DT)(DT)(DT)(DC)(DT)(DT)(DC)(DC)
(DC)(DT)(DT)(DC)(DC)(DT)(DT)(DT)(DC)(DT)(DC)(DG)(DC)(DC)(DA)(DC)(DG)(DT)(DT)(DC)
(DG)(DC)(DC)(DG)(DG)(DC)(DT)(DT)(DT)(DC)(DC)(DC)(DC)(DG)(DT)(DC)(DA)(DA)(DG)(DC)
(DT)(DC)(DT)(DA)(DA)(DA)(DT)(DC)(DG)(DG)(DG)(DG)(DG)(DC)(DT)(DC)(DC)(DC)(DT)(DT)
(DT)(DA)(DG)(DG)(DG)(DT)(DT)(DC)(DC)(DG)(DA)(DT)(DT)(DT)(DA)(DG)(DT)(DG)(DC)(DT)
(DT)(DT)(DA)(DC)(DG)(DG)(DC)(DA)(DC)(DC)(DT)(DC)(DG)(DA)(DC)(DC)(DC)(DC)(DA)(DA)
(DA)(DA)(DA)(DA)(DC)(DT)(DT)(DG)(DA)(DT)(DT)(DA)(DG)(DG)(DG)(DT)(DG)(DA)(DT)(DG)
(DG)(DT)(DT)(DC)(DA)(DC)(DG)(DT)(DA)(DG)(DT)(DG)(DG)(DG)(DC)(DC)(DA)(DT)(DC)(DG)
(DC)(DC)(DC)(DT)(DG)(DA)(DT)(DA)(DG)(DA)(DC)(DG)(DG)(DT)(DT)(DT)(DT)(DT)(DC)(DG)
(DC)(DC)(DC)(DT)(DT)(DT)(DG)(DA)(DC)(DG)(DT)(DT)(DG)(DG)(DA)(DG)(DT)(DC)(DC)(DA)
(DC)(DG)(DT)(DT)(DC)(DT)(DT)(DT)(DA)(DA)(DT)(DA)(DG)(DT)(DG)(DG)(DA)(DC)(DT)(DC)
(DT)(DT)(DG)(DT)(DT)(DC)(DC)(DA)(DA)(DA)(DC)(DT)(DG)(DG)(DA)(DA)(DC)(DA)(DA)(DC)
(DA)(DC)(DT)(DC)(DA)(DA)(DC)(DC)(DC)(DT)(DA)(DT)(DC)(DT)(DC)(DG)(DG)(DT)(DC)(DT)
(DA)(DT)(DT)(DC)(DT)(DT)(DT)(DT)(DG)(DA)(DT)(DT)(DT)(DA)(DT)(DA)(DA)(DG)(DG)(DG)
(DA)(DT)(DT)(DT)(DT)(DG)(DC)(DC)(DG)(DA)(DT)(DT)(DT)(DC)(DG)(DG)(DC)(DC)(DT)(DA)
(DT)(DT)(DG)(DG)(DT)(DT)(DA)(DA)(DA)(DA)(DA)(DA)(DT)(DG)(DA)(DG)(DC)(DT)(DG)(DA)
(DT)(DT)(DT)(DA)(DA)(DC)(DA)(DA)(DA)(DA)(DA)(DT)(DT)(DT)(DA)(DA)(DC)(DG)(DC)(DG)
(DA)(DA)(DT)(DT)(DT)(DT)(DA)(DA)(DC)(DA)(DA)(DA)(DA)(DT)(DA)(DT)(DT)(DA)(DA)(DC)
(DG)(DC)(DT)(DT)(DA)(DC)(DA)(DA)(DT)(DT)(DT)(DA)(DG)
;
AA
2 'polydeoxyribonucleotide'
;(DT)(DT)(DC)(DT)(DG)(DA)(DA)(DA)(DC)(DC)(DC)(DG)(DA)(DC)(DA)(DG)(DG)(DA)(DC)(DT)
(DT)(DC)(DA)(DA)(DG)(DT)(DC)(DG)(DG)(DT)(DA)(DT)(DC)(DT)
;
AB
3 'polydeoxyribonucleotide'
;(DT)(DG)(DG)(DC)(DG)(DT)(DT)(DT)(DC)(DC)(DC)(DC)(DC)(DT)(DG)(DG)(DA)(DA)(DG)(DC)
(DT)(DT)(DT)(DT)(DT)(DG)(DT)(DT)(DC)(DT)(DG)(DC)(DG)(DC)(DT)(DA)(DC)(DA)(DC)(DT)
(DA)(DC)(DG)(DC)(DC)(DA)(DC)(DT)
;
AC
4 'polydeoxyribonucleotide'
;(DT)(DA)(DG)(DG)(DG)(DA)(DA)(DG)(DA)(DT)(DC)(DC)(DT)(DT)(DT)(DG)(DA)(DT)(DC)(DT)
(DA)(DA)(DA)(DA)(DA)(DA)(DA)(DT)(DA)(DT)(DG)(DA)(DG)(DT)
;
AD
5 'polydeoxyribonucleotide'
;(DT)(DC)(DT)(DG)(DA)(DC)(DG)(DC)(DT)(DC)(DA)(DG)(DT)(DG)(DG)(DA)(DA)(DC)(DG)(DA)
(DT)(DT)(DG)(DC)(DC)(DA)(DT)(DA)(DA)(DG)(DC)(DT)(DA)(DG)(DA)(DT)(DC)(DC)(DA)(DG)
(DT)
;
AE
6 'polydeoxyribonucleotide'
;(DT)(DC)(DA)(DA)(DG)(DC)(DT)(DT)(DC)(DA)(DT)(DT)(DC)(DA)(DG)(DC)(DT)(DC)(DC)(DG)
(DC)(DT)(DC)(DG)(DT)(DC)(DG)(DA)(DA)(DG)(DT)(DT)(DG)(DG)(DC)(DT)(DG)(DC)(DA)(DT)
(DA)
;
AF
7 'polydeoxyribonucleotide'
;(DT)(DC)(DA)(DA)(DG)(DG)(DC)(DG)(DA)(DG)(DT)(DT)(DA)(DC)(DA)(DT)(DG)(DA)(DT)(DC)
(DT)(DC)(DT)(DT)(DA)(DC)(DC)(DT)(DG)(DC)(DT)(DC)(DA)(DT)
;
AG
8 'polydeoxyribonucleotide'
;(DA)(DG)(DA)(DG)(DG)(DT)(DG)(DG)(DC)(DC)(DC)(DT)(DG)(DT)(DT)(DC)(DC)(DG)(DA)(DC)
(DC)(DT)(DT)(DT)(DC)(DT)(DC)(DA)(DG)(DG)(DC)(DT)(DG)(DT)(DG)(DT)(DC)(DT)(DT)(DG)
(DA)(DG)
;
AH
9 'polydeoxyribonucleotide'
;(DT)(DT)(DT)(DT)(DT)(DC)(DG)(DT)(DA)(DA)(DA)(DA)(DA)(DG)(DG)(DC)(DC)(DG)(DC)(DG)
(DT)(DG)(DC)(DA)(DA)(DA)(DA)(DG)
;
AI
10 'polydeoxyribonucleotide'
;(DT)(DT)(DT)(DT)(DT)(DC)(DT)(DT)(DT)(DC)(DT)(DC)(DC)(DC)(DT)(DT)(DC)(DG)(DT)(DT)
(DC)(DA)(DG)(DC)(DC)(DC)(DG)(DA)(DC)(DT)(DT)(DT)(DT)(DT)
;
AJ
11 'polydeoxyribonucleotide'
;(DC)(DA)(DG)(DT)(DT)(DA)(DT)(DT)(DT)(DT)(DG)(DG)(DT)(DA)(DT)(DT)(DG)(DC)(DA)(DA)
(DG)(DC)(DA)(DG)(DC)(DA)(DT)(DC)(DA)(DT)(DG)(DG)(DT)(DG)(DT)(DT)(DC)(DA)(DC)(DA)
(DA)(DT)
;
AK
12 'polydeoxyribonucleotide'
;(DA)(DA)(DG)(DG)(DC)(DC)(DA)(DT)(DG)(DC)(DT)(DG)(DG)(DC)(DG)(DT)(DT)(DT)(DT)(DT)
(DC)(DC)(DA)(DT)(DA)(DG)(DG)(DC)(DG)(DA)(DA)(DC)(DA)(DT)(DG)(DG)(DA)(DG)(DC)(DG)
(DG)(DT)
;
AL
13 'polydeoxyribonucleotide'
;(DA)(DA)(DT)(DA)(DC)(DG)(DG)(DT)(DT)(DC)(DG)(DG)(DT)(DG)(DT)(DA)(DG)(DG)(DT)(DC)
(DG)(DA)(DC)(DA)(DC)(DG)(DA)(DC)(DT)(DT)(DT)(DA)(DA)(DT)(DG)(DA)(DA)(DT)(DC)(DG)
(DG)(DC)
;
AM
14 'polydeoxyribonucleotide'
;(DA)(DG)(DG)(DC)(DG)(DG)(DT)(DC)(DA)(DA)(DC)(DG)(DC)(DG)(DC)(DG)(DG)(DG)(DG)(DA)
(DG)(DC)(DG)(DG)(DG)(DA)(DA)(DA)(DC)(DC)(DG)(DG)(DA)(DA)(DG)(DA)(DG)(DC)(DT)(DG)
(DG)(DC)
;
AN
15 'polydeoxyribonucleotide'
;(DC)(DA)(DC)(DT)(DC)(DA)(DA)(DG)(DA)(DT)(DA)(DA)(DC)(DG)(DT)(DA)(DT)(DC)(DC)(DG)
(DC)(DA)(DA)(DA)(DA)(DC)(DG)(DA)(DT)(DT)(DC)(DG)(DC)(DG)(DC)(DT)(DT)(DG)(DG)(DC)
(DG)(DT)(DA)(DG)(DG)(DG)(DG)(DG)(DA)
;
AO
16 'polydeoxyribonucleotide'
;(DC)(DT)(DG)(DC)(DG)(DG)(DC)(DT)(DG)(DA)(DG)(DC)(DA)(DA)(DC)(DT)(DG)(DT)(DT)(DT)
(DC)(DA)(DT)(DT)(DC)(DT)(DA)(DA)(DG)(DC)(DG)(DA)(DA)(DT)(DT)(DC)(DT)(DA)(DA)(DG)
(DC)(DC)(DA)(DT)(DT)(DA)(DA)(DG)(DT)
;
AP
17 'polydeoxyribonucleotide'
;(DG)(DC)(DT)(DC)(DG)(DG)(DT)(DG)(DC)(DT)(DT)(DC)(DC)(DT)(DC)(DG)(DC)(DT)(DC)(DA)
(DC)(DT)(DG)(DT)(DT)(DT)(DT)(DT)
;
AQ
18 'polydeoxyribonucleotide'
;(DT)(DT)(DT)(DT)(DT)(DA)(DC)(DT)(DC)(DG)(DC)(DT)(DG)(DC)(DG)(DC)(DC)(DA)(DG)(DG)
(DA)(DA)(DC)(DT)(DT)(DT)(DT)(DT)
;
AR
19 'polydeoxyribonucleotide'
;(DT)(DT)(DT)(DT)(DT)(DC)(DG)(DC)(DT)(DG)(DC)(DG)(DC)(DC)(DT)(DT)(DA)(DT)(DC)(DC)
(DG)(DG)(DT)(DA)(DA)(DG)(DA)(DG)(DC)(DG)(DA)(DG)(DG)(DT)(DA)(DT)(DG)(DT)(DT)(DT)
(DT)(DT)
;
AS
20 'polydeoxyribonucleotide'
;(DT)(DC)(DC)(DA)(DA)(DC)(DC)(DG)(DC)(DC)(DA)(DC)(DT)(DG)(DG)(DG)(DC)(DC)(DT)(DA)
(DA)(DC)(DT)(DC)(DA)(DG)(DC)(DG)(DC)(DA)(DA)(DT)(DC)(DT)(DA)(DA)(DG)(DT)(DT)(DC)
(DG)(DC)(DC)(DA)(DG)(DT)(DT)(DT)(DT)(DT)(DT)(DT)
;
AT
21 'polydeoxyribonucleotide'
;(DT)(DT)(DG)(DC)(DG)(DT)(DA)(DT)(DT)(DG)(DG)(DG)(DC)(DG)(DG)(DC)(DT)(DC)(DA)(DC)
(DT)(DC)(DC)(DT)(DG)(DG)(DG)(DG)(DG)(DG)(DG)(DC)(DC)(DT)(DC)(DT)(DG)(DG)(DG)(DT)
(DA)(DA)(DC)(DG)(DT)(DA)(DA)(DA)(DG)
;
AU
22 'polydeoxyribonucleotide'
;(DG)(DA)(DT)(DT)(DA)(DG)(DC)(DA)(DC)(DT)(DA)(DT)(DC)(DG)(DT)(DG)(DC)(DA)(DC)(DG)
(DA)(DA)(DC)(DC)(DC)(DC)(DC)(DC)(DG)(DG)(DG)(DA)(DA)(DG)(DC)(DA)(DG)(DA)(DG)(DT)
(DT)(DG)(DG)(DT)(DA)(DG)(DC)(DT)(DT)(DT)(DT)(DT)
;
AV
23 'polydeoxyribonucleotide'
;(DG)(DG)(DC)(DA)(DG)(DC)(DA)(DC)(DG)(DG)(DT)(DA)(DA)(DG)(DT)(DT)(DC)(DG)(DC)(DT)
(DC)(DC)(DA)(DA)(DG)(DC)(DT)(DG)(DT)(DA)(DG)(DC)(DT)(DC)(DA)(DA)(DA)(DG)(DC)(DC)
(DA)(DG)
;
AW
24 'polydeoxyribonucleotide'
;(DT)(DT)(DT)(DT)(DT)(DC)(DT)(DC)(DA)(DC)(DA)(DT)(DT)(DA)(DA)(DT)(DT)(DG)(DC)(DG)
(DT)(DT)(DG)(DC)(DC)(DT)(DC)(DT)(DT)(DC)(DC)(DC)(DG)(DT)(DT)(DC)(DG)(DG)
;
AX
25 'polydeoxyribonucleotide'
;(DT)(DT)(DT)(DT)(DT)(DC)(DG)(DG)(DT)(DG)(DC)(DT)(DA)(DC)(DA)(DG)(DA)(DT)(DT)(DC)
(DA)(DT)(DC)(DC)(DA)(DT)(DT)(DA)(DA)(DA)(DA)
;
AY
26 'polydeoxyribonucleotide'
;(DA)(DT)(DA)(DC)(DG)(DA)(DG)(DC)(DC)(DT)(DG)(DT)(DC)(DG)(DT)(DG)(DC)(DC)(DA)(DG)
(DC)(DT)(DG)(DC)(DA)(DT)(DA)(DT)(DG)(DA)(DA)(DG)(DA)(DA)(DC)(DC)(DT)(DT)(DA)(DA)
(DT)(DC)(DA)(DA)(DA)(DC)(DT)(DT)(DG)
;
AZ
27 'polydeoxyribonucleotide'
;(DT)(DC)(DC)(DA)(DC)(DT)(DA)(DC)(DC)(DA)(DC)(DA)(DG)(DA)(DA)(DC)(DA)(DA)(DA)(DA)
(DA)(DT)(DC)(DG)(DA)(DC)(DG)(DC)(DA)(DT)(DA)(DA)(DA)(DG)(DA)(DT)(DA)(DC)(DC)(DA)
(DT)
;
Aa
28 'polydeoxyribonucleotide'
;(DA)(DA)(DA)(DT)(DT)(DG)(DT)(DC)(DA)(DG)(DG)(DA)(DA)(DA)(DT)(DC)(DC)(DG)(DC)(DC)
(DC)(DC)(DC)(DC)(DT)(DG)(DA)(DC)(DG)(DA)(DG)(DC)(DA)(DT)(DC)(DA)(DT)(DC)(DA)(DG)
(DG)(DG)
;
Ab
29 'polydeoxyribonucleotide'
;(DC)(DT)(DG)(DT)(DG)(DT)(DG)(DT)(DG)(DT)(DA)(DA)(DA)(DG)(DG)(DC)(DC)(DC)(DG)(DC)
(DT)(DT)(DT)(DC)(DC)(DA)(DG)(DT)(DA)(DG)(DG)(DC)(DG)(DG)(DT)(DA)(DT)(DC)(DA)(DG)
(DC)(DT)
;
Ac
30 'polydeoxyribonucleotide'
;(DT)(DT)(DT)(DT)(DT)(DG)(DG)(DC)(DG)(DT)(DA)(DA)(DT)(DC)(DA)(DT)(DG)(DT)(DG)(DA)
(DG)(DT)(DG)(DA)(DG)(DC)(DT)(DA)(DA)(DT)(DT)(DT)(DT)(DT)
;
Ad
31 'polydeoxyribonucleotide'
;(DT)(DT)(DT)(DT)(DT)(DT)(DC)(DT)(DT)(DG)(DA)(DT)(DC)(DC)(DG)(DG)(DC)(DT)(DC)(DA)
(DA)(DA)(DA)(DA)(DG)(DG)(DA)(DT)(DC)(DT)(DT)(DC)(DA)(DC)(DC)(DT)(DT)(DT)(DT)(DT)
(DT)
;
Ae
32 'polydeoxyribonucleotide'
;(DT)(DG)(DG)(DT)(DA)(DG)(DC)(DA)(DA)(DG)(DA)(DT)(DT)(DT)(DT)(DG)(DG)(DT)(DC)(DA)
(DT)(DT)(DT)(DT)(DA)(DA)(DA)(DT)(DA)(DT)(DC)(DT)(DG)(DT)(DC)(DA)(DC)(DG)(DG)(DG)
(DA)(DG)
;
Af
33 'polydeoxyribonucleotide'
;(DT)(DT)(DT)(DT)(DT)(DC)(DG)(DT)(DT)(DG)(DT)(DA)(DA)(DA)(DA)(DC)(DG)(DA)(DC)(DG)
(DG)(DG)(DT)(DT)(DT)(DT)(DC)(DC)
;
Ag
34 'polydeoxyribonucleotide'
;(DT)(DT)(DT)(DT)(DT)(DA)(DG)(DA)(DT)(DC)(DC)(DT)(DT)(DT)(DT)(DA)(DA)(DA)(DT)(DA)
(DG)(DT)(DT)(DG)(DC)(DC)(DT)(DG)(DA)(DT)(DT)(DT)(DT)(DT)
;
Ah
35 'polydeoxyribonucleotide'
;(DA)(DT)(DG)(DA)(DA)(DG)(DT)(DG)(DA)(DG)(DA)(DT)(DT)(DA)(DA)(DA)(DA)(DC)(DA)(DA)
(DA)(DC)(DC)(DA)(DC)(DC)(DG)(DC)(DT)(DT)(DA)(DC)(DC)(DT)(DT)(DA)(DA)(DG)(DT)(DG)
(DG)(DT)(DG)(DT)(DA)(DA)(DC)(DA)(DG)
;
Ai
36 'polydeoxyribonucleotide'
;(DT)(DG)(DT)(DG)(DC)(DT)(DG)(DC)(DC)(DT)(DA)(DA)(DA)(DG)(DG)(DT)(DC)(DT)(DA)(DT)
(DC)(DC)(DT)(DC)(DC)(DA)(DA)(DC)(DG)(DT)(DC)(DA)(DA)(DA)(DG)(DC)(DT)(DC)(DC)(DG)
(DA)(DA)
;
Aj
37 'polydeoxyribonucleotide'
;(DT)(DA)(DT)(DT)(DT)(DC)(DG)(DG)(DT)(DT)(DC)(DT)(DT)(DG)(DC)(DG)(DG)(DA)(DA)(DA)
(DA)(DG)(DT)(DG)(DG)(DC)(DG)(DC)(DC)(DT)(DG)(DC)(DC)(DG)(DC)(DT)(DT)(DA)(DC)(DC)
(DG)(DG)(DA)(DT)(DA)(DC)(DC)(DT)(DG)(DT)(DC)(DC)(DG)(DC)(DT)(DT)(DT)(DT)(DT)
;
Ak
38 'polydeoxyribonucleotide'
;(DA)(DG)(DT)(DG)(DA)(DG)(DG)(DC)(DC)(DC)(DC)(DA)(DG)(DT)(DG)(DC)(DT)(DG)(DC)(DA)
(DA)(DT)(DG)(DA)(DT)(DA)(DA)(DC)(DA)(DC)(DC)(DA)(DA)(DT)(DG)(DA)(DG)(DA)(DC)(DA)
(DA)(DC)
;
Al
39 'polydeoxyribonucleotide'
;(DG)(DA)(DA)(DA)(DG)(DT)(DT)(DC)(DC)(DG)(DC)(DC)(DG)(DC)(DG)(DC)(DT)(DT)(DA)(DA)
(DT)(DT)(DG)(DC)(DG)(DC)(DG)(DT)(DG)(DG)(DG)(DG)(DA)(DA)(DA)(DT)(DT)(DA)(DA)(DC)
(DC)(DA)
;
Am
40 'polydeoxyribonucleotide'
;(DT)(DT)(DC)(DG)(DC)(DT)(DA)(DT)(DA)(DC)(DA)(DG)(DG)(DG)(DC)(DG)(DC)(DG)(DT)(DC)
(DC)(DT)(DG)(DG)(DC)(DA)(DA)(DG)(DC)(DG)(DA)(DG)(DA)(DA)(DA)(DT)(DT)(DT)(DG)(DT)
(DT)(DA)
;
An
41 'polydeoxyribonucleotide'
;(DA)(DG)(DG)(DG)(DC)(DG)(DA)(DC)(DA)(DT)(DT)(DC)(DA)(DG)(DG)(DC)(DT)(DG)(DC)(DG)
(DC)(DA)(DA)(DT)(DT)(DT)(DT)(DT)
;
Ao
42 'polydeoxyribonucleotide'
;(DT)(DT)(DT)(DT)(DT)(DC)(DT)(DG)(DT)(DT)(DG)(DG)(DG)(DA)(DC)(DA)(DG)(DT)(DC)(DA)
(DC)(DG)(DA)(DT)(DT)(DT)(DT)(DT)
;
Ap
43 'polydeoxyribonucleotide'
;(DT)(DT)(DT)(DT)(DT)(DC)(DT)(DC)(DC)(DC)(DC)(DG)(DT)(DC)(DG)(DT)(DG)(DT)(DA)(DG)
(DA)(DT)(DA)(DA)(DG)(DC)(DC)(DA)(DG)(DC)(DC)(DG)(DG)(DA)(DA)(DG)(DT)(DT)(DT)(DT)
(DT)
;
Aq
44 'polydeoxyribonucleotide'
;(DG)(DG)(DC)(DT)(DT)(DA)(DC)(DA)(DG)(DA)(DT)(DT)(DT)(DA)(DC)(DT)(DT)(DT)(DA)(DT)
(DC)(DT)(DA)(DC)(DT)(DG)(DT)(DC)(DT)(DC)(DG)(DT)(DT)(DG)(DT)(DA)(DA)(DA)(DC)(DG)
(DT)(DT)(DC)(DT)(DT)(DC)(DG)(DT)(DT)(DT)(DT)(DT)
;
Ar
45 'polydeoxyribonucleotide'
;(DC)(DG)(DC)(DT)(DC)(DA)(DC)(DC)(DG)(DG)(DC)(DT)(DC)(DC)(DC)(DA)(DT)(DC)(DT)(DG)
(DG)(DC)(DA)(DC)(DC)(DT)(DA)(DT)(DC)(DT)(DA)(DC)(DG)(DG)(DC)(DT)(DC)(DT)(DG)(DC)
(DT)(DG)(DC)(DG)(DC)(DT)(DG)(DT)(DA)
;
As
46 'polydeoxyribonucleotide'
;(DT)(DT)(DT)(DT)(DT)(DG)(DG)(DA)(DG)(DC)(DG)(DG)(DG)(DC)(DG)(DC)(DT)(DA)(DG)(DG)
(DG)(DC)(DG)(DC)(DC)(DA)(DT)(DT)(DC)(DG)(DC)(DT)(DC)(DG)(DG)(DT)(DG)(DC)(DT)(DG)
(DC)(DC)(DT)(DA)(DA)(DG)(DT)(DC)(DA)(DT)(DA)(DG)
;
At
47 'polydeoxyribonucleotide'
;(DT)(DT)(DT)(DT)(DT)(DG)(DG)(DC)(DC)(DG)(DA)(DG)(DC)(DG)(DC)(DA)(DG)(DA)(DA)(DG)
(DT)(DG)(DG)(DT)(DC)(DC)(DT)(DG)(DC)(DA)(DA)(DT)(DC)(DA)(DG)(DC)(DA)(DA)(DT)(DA)
(DA)(DA)(DC)(DC)(DA)(DC)(DT)(DA)(DC)(DG)(DA)(DT)
;
Au
48 'polydeoxyribonucleotide'
;(DG)(DC)(DT)(DT)(DG)(DA)(DC)(DA)(DA)(DC)(DC)(DA)(DC)(DC)(DA)(DC)(DC)(DC)(DG)(DC)
(DG)(DT)(DG)(DA)(DC)(DC)(DC)(DA)(DC)(DT)(DA)(DT)(DT)(DA)(DA)(DG)(DG)(DC)(DA)(DG)
(DC)(DA)
;
Av
49 'polydeoxyribonucleotide'
;(DG)(DC)(DC)(DG)(DG)(DC)(DG)(DT)(DC)(DG)(DG)(DA)(DA)(DC)(DC)(DA)(DA)(DG)(DG)(DC)
(DG)(DT)(DG)(DG)(DA)(DG)(DA)(DA)(DC)(DG)(DG)(DC)(DC)(DA)(DG)(DT)(DG)(DA)(DG)(DC)
(DG)(DA)
;
Aw
50 'polydeoxyribonucleotide'
;(DA)(DA)(DC)(DG)(DT)(DG)(DG)(DT)(DG)(DT)(DA)(DG)(DC)(DG)(DG)(DT)(DC)(DA)(DC)(DG)
(DC)(DG)(DC)(DG)(DC)(DC)(DG)(DC)(DT)(DT)(DA)(DC)(DG)(DC)(DC)(DC)(DA)(DT)(DA)(DA)
(DA)(DG)
;
Ax
51 'polydeoxyribonucleotide'
;(DA)(DG)(DT)(DA)(DA)(DG)(DT)(DA)(DA)(DG)(DT)(DA)(DT)(DA)(DG)(DG)(DA)(DT)(DC)(DT)
(DC)(DG)(DG)(DT)(DG)(DG)(DT)(DT)(DT)(DC)(DC)(DC)(DT)(DC)(DG)(DT)(DG)(DC)(DG)(DC)
(DT)
;
Ay
52 'polydeoxyribonucleotide'
;(DT)(DG)(DC)(DC)(DG)(DG)(DG)(DT)(DG)(DC)(DT)(DA)(DC)(DA)(DG)(DG)(DC)(DA)(DT)(DC)
(DG)(DA)(DA)(DA)(DA)(DA)(DC)(DC)(DG)(DG)(DA)(DG)(DC)(DC)(DC)
;
Az
53 'polydeoxyribonucleotide'
;(DC)(DC)(DG)(DA)(DT)(DG)(DT)(DG)(DT)(DC)(DT)(DG)(DA)(DC)(DA)(DA)(DG)(DA)(DT)(DT)
(DA)(DC)(DG)(DC)(DG)(DC)(DA)(DG)(DT)(DT)(DT)(DC)(DT)(DA)(DC)(DG)(DG)(DG)(DG)(DT)
(DT)
;
A0
54 'polydeoxyribonucleotide'
;(DG)(DA)(DG)(DG)(DT)(DG)(DC)(DC)(DG)(DC)(DC)(DA)(DG)(DG)(DC)(DC)(DA)(DG)(DT)(DG)
(DA)(DG)(DC)(DC)(DT)(DG)(DG)(DA)(DG)(DA)(DA)(DT)(DT)(DC)(DG)(DC)(DG)(DC)(DT)(DT)
(DT)(DT)(DT)(DT)(DT)
;
A1
55 'polydeoxyribonucleotide'
;(DT)(DT)(DT)(DT)(DT)(DT)(DT)(DT)(DT)(DT)(DT)(DG)(DG)(DG)(DG)(DT)(DC)(DA)(DA)(DG)
(DA)(DA)(DA)(DG)(DC)(DG)(DA)(DA)(DA)(DT)(DT)(DT)(DT)(DT)
;
A2
56 'polydeoxyribonucleotide'
;(DT)(DT)(DT)(DT)(DT)(DA)(DA)(DT)(DA)(DG)(DT)(DT)(DT)(DG)(DC)(DG)(DC)(DT)(DG)(DA)
(DA)(DA)(DA)(DG)(DC)(DG)(DG)(DT)(DT)(DA)(DG)(DC)(DT)(DC)(DC)(DT)(DT)(DT)(DT)(DT)
(DT)
;
A3
57 'polydeoxyribonucleotide'
;(DC)(DT)(DA)(DC)(DG)(DT)(DG)(DT)(DC)(DC)(DA)(DC)(DT)(DA)(DT)(DT)(DA)(DA)(DA)(DG)
(DA)(DT)(DT)(DA)(DT)(DA)(DA)(DA)(DA)(DA)(DT)(DC)(DA)(DG)(DC)(DC)(DC)(DC)(DC)(DG)
(DA)(DA)
;
A4
58 'polydeoxyribonucleotide'
;(DA)(DC)(DA)(DA)(DG)(DA)(DG)(DA)(DA)(DC)(DC)(DA)(DT)(DC)(DA)(DC)(DC)(DC)(DT)(DA)
(DA)(DT)(DC)(DA)(DA)(DG)(DT)(DT)(DT)(DT)(DT)
;
A5
59 'polydeoxyribonucleotide'
;(DT)(DT)(DT)(DT)(DT)(DG)(DT)(DT)(DG)(DT)(DT)(DC)(DC)(DA)(DG)(DT)(DT)(DT)(DG)(DG)
(DA)(DC)(DG)(DA)(DG)(DA)(DT)(DA)
;
A6
60 'polydeoxyribonucleotide'
;(DT)(DT)(DT)(DT)(DT)(DT)(DC)(DG)(DG)(DT)(DC)(DC)(DT)(DC)(DC)(DG)(DA)(DA)(DT)(DG)
(DC)(DC)(DA)(DT)(DC)(DC)(DG)(DT)(DA)(DT)(DT)(DT)(DT)(DT)
;
A7
61 'polydeoxyribonucleotide'
;(DC)(DA)(DG)(DA)(DA)(DG)(DT)(DT)(DT)(DT)(DG)(DG)(DT)(DA)(DA)(DA)(DC)(DG)(DT)(DT)
(DG)(DA)(DA)(DA)(DC)(DT)(DC)(DA)(DC)(DG)(DT)(DT)(DA)(DT)
;
A8
62 'polydeoxyribonucleotide'
;(DC)(DC)(DG)(DC)(DA)(DG)(DT)(DT)(DT)(DA)(DA)(DA)(DA)(DG)(DG)(DC)(DT)(DG)(DT)(DT)
(DG)(DA)(DG)(DA)(DT)(DC)(DC)(DA)(DG)(DT)(DT)(DC)(DG)(DA)(DT)(DA)(DA)(DG)(DG)(DG)
(DA)(DA)
;
A9
63 'polydeoxyribonucleotide'
;(DA)(DT)(DC)(DG)(DG)(DC)(DA)(DC)(DG)(DC)(DA)(DA)(DA)(DA)(DG)(DT)(DA)(DA)(DC)(DC)
(DC)(DA)(DC)(DT)(DC)(DG)(DT)(DG)(DC)(DA)(DC)(DC)(DC)(DA)(DA)
;
BA
64 'polydeoxyribonucleotide'
;(DT)(DC)(DA)(DA)(DA)(DA)(DG)(DA)(DA)(DA)(DA)(DA)(DC)(DA)(DC)(DT)(DG)(DA)(DT)(DC)
(DT)(DT)(DC)(DA)(DG)(DC)(DA)(DT)(DC)(DT)(DT)(DT)(DT)(DA)(DC)(DT)(DT)(DT)(DC)(DA)
(DT)(DT)(DT)(DT)(DT)
;
BB
65 'polydeoxyribonucleotide'
;(DA)(DT)(DA)(DG)(DG)(DC)(DA)(DA)(DT)(DA)(DG)(DG)(DG)(DG)(DT)(DT)(DC)(DC)(DG)(DC)
(DG)(DA)(DT)(DT)(DT)(DA)(DG)(DA)(DT)(DG)(DT)(DT)(DG)(DA)(DA)
;
BC
66 'polydeoxyribonucleotide'
;(DA)(DT)(DT)(DC)(DG)(DC)(DG)(DT)(DT)(DG)(DT)(DA)(DA)(DG)(DC)(DG)(DT)(DT)(DA)(DA)
(DT)(DA)(DT)(DT)(DT)(DT)(DT)(DT)
;
BD
67 'polydeoxyribonucleotide'
;(DT)(DT)(DT)(DT)(DT)(DT)(DT)(DT)(DG)(DT)(DT)(DA)(DA)(DA)(DG)(DG)(DG)(DT)(DT)(DG)
(DA)(DG)(DT)(DT)(DT)(DT)(DT)(DT)
;
BE
68 'polydeoxyribonucleotide'
;(DT)(DT)(DT)(DT)(DT)(DA)(DG)(DA)(DT)(DG)(DC)(DT)(DT)(DT)(DT)(DC)(DT)(DG)(DT)(DG)
(DA)(DC)(DT)(DG)(DC)(DT)(DC)(DT)(DT)(DG)(DC)(DC)(DC)(DG)(DG)(DC)(DT)(DT)(DT)(DT)
(DT)
;
BF
69 'polydeoxyribonucleotide'
;(DC)(DT)(DC)(DA)(DA)(DC)(DC)(DA)(DA)(DG)(DT)(DC)(DA)(DT)(DT)(DC)(DT)(DG)(DA)(DA)
(DA)(DT)(DG)(DG)(DT)(DT)(DA)(DT)(DT)(DT)(DT)(DT)(DA)(DG)(DA)
;
BG
70 'polydeoxyribonucleotide'
;(DA)(DA)(DG)(DT)(DG)(DC)(DC)(DA)(DG)(DC)(DG)(DG)(DA)(DT)(DC)(DT)(DT)(DT)(DT)(DT)
(DC)(DA)(DA)(DT)(DA)(DT)(DT)(DA)(DG)(DG)(DT)(DG)(DA)(DG)(DC)(DA)(DA)(DT)(DA)(DG)
(DA)(DC)
;
BH
71 'polydeoxyribonucleotide'
;(DA)(DA)(DA)(DA)(DT)(DA)(DA)(DA)(DC)(DG)(DA)(DA)(DT)(DA)(DG)(DT)(DG)(DT)(DA)(DT)
(DG)(DA)(DT)(DA)(DG)(DC)(DA)(DG)(DA)(DA)(DG)(DC)(DG)(DA)(DC)(DA)(DC)(DG)(DG)(DA)
(DA)(DA)
;
BI
72 'polydeoxyribonucleotide'
;(DT)(DT)(DT)(DT)(DT)(DT)(DC)(DA)(DG)(DG)(DG)(DT)(DT)(DA)(DT)(DT)(DG)(DT)(DC)(DT)
(DC)(DA)(DT)(DG)(DA)(DC)(DC)(DT)(DA)(DA)(DA)(DT)(DT)(DA)(DA)(DA)(DT)(DT)(DG)(DG)
(DA)(DA)(DG)(DG)(DG)
;
BJ
73 'polydeoxyribonucleotide'
;(DT)(DT)(DT)(DT)(DT)(DG)(DT)(DC)(DA)(DA)(DT)(DA)(DC)(DG)(DG)(DG)(DA)(DT)(DA)(DA)
(DT)(DA)(DC)(DC)(DC)(DA)(DT)(DT)(DG)(DG)(DA)
;
BK
74 'polydeoxyribonucleotide'
;(DG)(DC)(DG)(DC)(DC)(DA)(DC)(DC)(DG)(DG)(DC)(DG)(DA)(DC)(DC)(DG)(DA)(DG)(DT)(DT)
(DG)(DG)(DT)(DG)(DA)(DG)(DT)(DA)(DA)(DT)(DT)(DC)(DT)(DC)(DT)(DC)(DG)(DC)(DC)(DT)
(DC)(DC)
;
BL
75 'polydeoxyribonucleotide'
;(DT)(DA)(DC)(DT)(DC)(DA)(DT)(DA)(DA)(DA)(DA)(DT)(DG)(DC)(DA)(DA)(DA)(DT)(DC)(DC)
(DC)(DA)(DC)(DG)(DT)(DG)(DG)(DA)(DA)(DG)(DG)(DG)(DC)(DG)(DA)(DT)(DG)(DG)(DC)(DC)
(DC)(DA)(DC)(DA)(DC)(DT)(DA)(DA)(DA)
;
BM
76 'polydeoxyribonucleotide'
;(DT)(DA)(DA)(DG)(DG)(DC)(DT)(DG)(DT)(DT)(DA)(DT)(DC)(DA)(DG)(DG)(DC)(DG)(DT)(DG)
(DG)(DT)(DG)(DT)(DC)(DA)(DC)(DG)(DG)(DT)(DT)(DC)(DC)(DC)(DA)(DA)(DC)(DG)(DA)(DT)
(DT)
;
BN
77 'polydeoxyribonucleotide'
;(DG)(DG)(DA)(DA)(DG)(DG)(DC)(DA)(DC)(DT)(DC)(DT)(DT)(DC)(DA)(DC)(DA)(DT)(DA)(DT)
(DT)(DT)(DG)(DA)(DA)(DT)(DG)(DT)(DC)(DA)(DC)(DA)(DT)(DT)(DT)(DT)(DC)(DA)(DT)(DT)
(DT)(DT)
;
BO
78 'polydeoxyribonucleotide'
;(DT)(DT)(DT)(DT)(DT)(DC)(DC)(DA)(DG)(DC)(DG)(DT)(DT)(DT)(DC)(DT)(DG)(DT)(DT)(DG)
(DA)(DA)(DG)(DC)(DA)(DT)(DT)(DT)(DA)(DT)(DT)(DT)(DT)(DT)
;
BP
79 'polydeoxyribonucleotide'
;(DT)(DT)(DT)(DT)(DT)(DG)(DG)(DG)(DC)(DG)(DA)(DA)(DA)(DA)(DC)(DT)(DC)(DT)(DC)(DA)
(DA)(DG)(DG)(DA)(DC)(DC)(DC)(DC)(DA)(DT)(DG)(DT)(DT)(DG)(DT)(DG)(DT)
;
BQ
#
loop_
_chem_comp.id
_chem_comp.type
_chem_comp.name
_chem_comp.formula
DA DNA linking 2'-DEOXYADENOSINE-5'-MONOPHOSPHATE 'C10 H14 N5 O6 P'
DC DNA linking 2'-DEOXYCYTIDINE-5'-MONOPHOSPHATE 'C9 H14 N3 O7 P'
DG DNA linking 2'-DEOXYGUANOSINE-5'-MONOPHOSPHATE 'C10 H14 N5 O7 P'
DT DNA linking THYMIDINE-5'-MONOPHOSPHATE 'C10 H15 N2 O8 P'
#